data_6MVL
#
_entry.id   6MVL
#
_cell.length_a   66.166
_cell.length_b   125.856
_cell.length_c   192.040
_cell.angle_alpha   90.00
_cell.angle_beta   90.00
_cell.angle_gamma   90.00
#
_symmetry.space_group_name_H-M   'I 21 21 21'
#
loop_
_entity.id
_entity.type
_entity.pdbx_description
1 polymer 'V-type immunoglobulin domain-containing suppressor of T-cell activation'
2 polymer 'Antibody Fab fragment heavy chain'
3 polymer 'Antibody Fab fragment light chain'
4 non-polymer 2-acetamido-2-deoxy-beta-D-glucopyranose
5 non-polymer 'SULFATE ION'
6 water water
#
loop_
_entity_poly.entity_id
_entity_poly.type
_entity_poly.pdbx_seq_one_letter_code
_entity_poly.pdbx_strand_id
1 'polypeptide(L)'
;AFKVATPYSLYVCPEGQNVTLTCRLLGPVDKGHDVTFYKTWYRSSRGEVQTCSERRPIRQLTFQDLHLHHGGHQAAQTSH
DLAQRHGLESASDHHGNFSITMRNLTLLDSGLYCCLVVEIRHHHSEHRVHGAMELQVQTGKDAPSNCVVYPSSSQDSEQI
TAAHHHHHH
;
A
2 'polypeptide(L)'
;EVQLVESGGGLVQPGKSLRLSCAASGFTLEDYAMHWVRQAPGKGLEWVSGIDWNSENIGYADSVKGRFTISRDNAKNSLY
LQMNSLRTEDTALYYCAKVPGYSGGWIDAEDDWGQGTMVTVSSASTKGPSVFPLAPSSKSTSGGTAALGCLVKDYFPEPV
TVSWNSGALTSGVHTFPAVLQSSGLYSLSSVVTVPSSSLGTQTYICNVNHKPSNTKVDKRVEPKSCDKT
;
H
3 'polypeptide(L)'
;EIVLTQSPGTLSLSPGERATLSCRASQSVSSSYLAWYQQKPGQAPRLLIYGASSRATGIPDRFSGSGSGTDFTLTISRLE
PEDFAVYYCQQYGSSPFTFGPGTKVDIKRTVAAPSVFIFPPSDEQLKSGTASVVCLLNNFYPREAKVQWKVDNALQSGNS
QESVTEQDSKDSTYSLSSTLTLSKADYEKHKVYACEVTHQGLSSPVTKSFNRGEC
;
L
#
# COMPACT_ATOMS: atom_id res chain seq x y z
N PHE A 2 19.57 7.49 -22.18
CA PHE A 2 18.85 7.83 -23.40
C PHE A 2 18.90 9.32 -23.72
N LYS A 3 18.87 9.66 -25.01
CA LYS A 3 18.89 11.04 -25.47
C LYS A 3 17.69 11.37 -26.37
N VAL A 4 17.38 12.66 -26.50
CA VAL A 4 16.30 13.14 -27.35
C VAL A 4 16.93 14.09 -28.35
N ALA A 5 16.73 13.84 -29.64
CA ALA A 5 17.25 14.70 -30.71
C ALA A 5 16.14 15.56 -31.30
N THR A 6 16.48 16.81 -31.61
CA THR A 6 15.56 17.75 -32.24
C THR A 6 16.16 18.14 -33.60
N PRO A 7 15.63 17.61 -34.72
CA PRO A 7 16.27 17.87 -36.03
C PRO A 7 16.26 19.32 -36.47
N TYR A 8 15.24 20.07 -36.05
CA TYR A 8 15.06 21.48 -36.39
C TYR A 8 14.92 22.33 -35.13
N SER A 9 15.71 23.42 -35.03
CA SER A 9 15.71 24.35 -33.89
C SER A 9 14.70 25.49 -34.07
N LEU A 10 14.41 25.85 -35.33
CA LEU A 10 13.52 26.94 -35.72
C LEU A 10 12.62 26.53 -36.88
N TYR A 11 11.33 26.85 -36.78
CA TYR A 11 10.31 26.60 -37.81
C TYR A 11 9.64 27.94 -38.12
N VAL A 12 9.83 28.49 -39.34
CA VAL A 12 9.18 29.75 -39.69
C VAL A 12 8.06 29.47 -40.72
N CYS A 13 6.80 29.68 -40.28
CA CYS A 13 5.58 29.36 -41.03
C CYS A 13 4.66 30.57 -41.31
N PRO A 14 3.92 30.57 -42.44
CA PRO A 14 2.91 31.63 -42.63
C PRO A 14 1.60 31.19 -41.94
N GLU A 15 0.68 32.14 -41.73
CA GLU A 15 -0.63 31.85 -41.13
C GLU A 15 -1.48 30.98 -42.06
N GLY A 16 -2.32 30.13 -41.47
CA GLY A 16 -3.22 29.24 -42.21
C GLY A 16 -2.61 27.92 -42.59
N GLN A 17 -1.26 27.82 -42.58
CA GLN A 17 -0.54 26.60 -42.93
C GLN A 17 -0.59 25.57 -41.81
N ASN A 18 -0.24 24.31 -42.13
CA ASN A 18 -0.15 23.20 -41.20
C ASN A 18 1.33 22.88 -41.02
N VAL A 19 1.79 22.68 -39.78
CA VAL A 19 3.19 22.36 -39.47
C VAL A 19 3.26 21.10 -38.58
N THR A 20 4.35 20.34 -38.74
CA THR A 20 4.61 19.16 -37.92
C THR A 20 5.95 19.34 -37.21
N LEU A 21 5.90 19.43 -35.87
CA LEU A 21 7.10 19.55 -35.03
C LEU A 21 7.48 18.13 -34.68
N THR A 22 8.78 17.83 -34.67
CA THR A 22 9.22 16.45 -34.44
C THR A 22 10.44 16.37 -33.53
N CYS A 23 10.54 15.23 -32.87
CA CYS A 23 11.62 14.86 -31.98
C CYS A 23 11.93 13.40 -32.19
N ARG A 24 13.17 13.02 -31.93
CA ARG A 24 13.62 11.65 -32.10
C ARG A 24 14.18 11.08 -30.79
N LEU A 25 13.59 9.99 -30.34
CA LEU A 25 14.07 9.29 -29.15
C LEU A 25 15.27 8.45 -29.58
N LEU A 26 16.46 8.79 -29.06
CA LEU A 26 17.71 8.07 -29.35
C LEU A 26 17.92 7.00 -28.25
N GLY A 27 18.07 5.74 -28.67
CA GLY A 27 18.25 4.60 -27.78
C GLY A 27 19.69 4.36 -27.40
N HIS A 33 13.69 -4.82 -20.53
CA HIS A 33 12.59 -5.77 -20.38
C HIS A 33 11.34 -5.02 -19.91
N ASP A 34 11.36 -4.50 -18.66
CA ASP A 34 10.26 -3.72 -18.11
C ASP A 34 10.59 -2.22 -18.20
N VAL A 35 11.08 -1.83 -19.37
CA VAL A 35 11.43 -0.46 -19.70
C VAL A 35 10.40 0.04 -20.72
N THR A 36 9.81 1.19 -20.44
CA THR A 36 8.84 1.78 -21.34
C THR A 36 9.05 3.29 -21.40
N PHE A 37 8.74 3.87 -22.55
CA PHE A 37 8.89 5.30 -22.79
C PHE A 37 7.54 5.98 -23.02
N TYR A 38 7.35 7.12 -22.36
CA TYR A 38 6.15 7.93 -22.48
C TYR A 38 6.54 9.26 -23.09
N LYS A 39 5.84 9.63 -24.16
CA LYS A 39 6.13 10.82 -24.96
C LYS A 39 4.96 11.78 -25.01
N THR A 40 5.27 13.08 -24.98
CA THR A 40 4.26 14.14 -25.06
C THR A 40 4.82 15.49 -25.47
N TRP A 41 3.96 16.50 -25.54
CA TRP A 41 4.31 17.86 -25.94
C TRP A 41 3.65 18.90 -25.07
N TYR A 42 4.31 20.05 -24.98
CA TYR A 42 3.80 21.25 -24.33
C TYR A 42 4.54 22.45 -24.91
N ARG A 43 4.21 23.63 -24.42
CA ARG A 43 4.90 24.82 -24.89
C ARG A 43 5.34 25.63 -23.68
N SER A 44 6.36 26.47 -23.88
CA SER A 44 6.83 27.37 -22.85
C SER A 44 5.73 28.44 -22.67
N SER A 45 5.81 29.26 -21.61
CA SER A 45 4.92 30.39 -21.41
C SER A 45 5.32 31.48 -22.45
N ARG A 46 4.43 32.45 -22.75
CA ARG A 46 4.69 33.50 -23.73
C ARG A 46 5.37 34.76 -23.15
N GLY A 47 6.28 34.57 -22.21
CA GLY A 47 6.99 35.67 -21.58
C GLY A 47 8.24 36.12 -22.33
N GLU A 48 9.02 37.02 -21.72
CA GLU A 48 10.26 37.57 -22.29
C GLU A 48 11.26 36.44 -22.65
N VAL A 49 11.49 35.52 -21.71
CA VAL A 49 12.41 34.39 -21.90
C VAL A 49 11.59 33.12 -22.06
N GLN A 50 11.77 32.44 -23.19
CA GLN A 50 11.09 31.19 -23.51
C GLN A 50 11.98 30.01 -23.05
N THR A 51 11.44 29.14 -22.21
CA THR A 51 12.17 27.97 -21.70
C THR A 51 11.25 26.79 -21.47
N CYS A 52 11.75 25.58 -21.73
CA CYS A 52 10.98 24.36 -21.52
C CYS A 52 10.85 23.97 -20.05
N SER A 53 11.43 24.73 -19.12
CA SER A 53 11.24 24.51 -17.68
C SER A 53 9.82 25.04 -17.34
N GLU A 54 9.25 25.89 -18.22
CA GLU A 54 7.91 26.44 -18.10
C GLU A 54 6.99 25.54 -18.90
N ARG A 55 5.88 25.12 -18.30
CA ARG A 55 4.97 24.25 -18.99
C ARG A 55 3.59 24.83 -19.12
N ARG A 56 3.15 25.01 -20.36
CA ARG A 56 1.83 25.54 -20.67
C ARG A 56 1.15 24.62 -21.67
N PRO A 57 -0.20 24.53 -21.68
CA PRO A 57 -0.86 23.69 -22.69
C PRO A 57 -0.74 24.30 -24.10
N ILE A 58 -0.93 23.46 -25.14
CA ILE A 58 -0.92 23.93 -26.53
C ILE A 58 -2.38 24.01 -26.95
N ARG A 59 -2.88 25.24 -27.25
CA ARG A 59 -4.27 25.50 -27.65
C ARG A 59 -5.22 24.87 -26.60
N GLN A 60 -4.85 25.04 -25.30
CA GLN A 60 -5.52 24.58 -24.09
C GLN A 60 -5.46 23.04 -23.87
N LEU A 61 -4.72 22.31 -24.71
CA LEU A 61 -4.51 20.86 -24.57
C LEU A 61 -3.21 20.60 -23.79
N THR A 62 -3.35 19.98 -22.63
CA THR A 62 -2.25 19.72 -21.72
C THR A 62 -1.32 18.62 -22.22
N PHE A 63 -0.12 18.52 -21.61
CA PHE A 63 0.83 17.45 -21.90
C PHE A 63 0.19 16.07 -21.59
N GLN A 64 -0.79 16.04 -20.69
CA GLN A 64 -1.50 14.78 -20.41
C GLN A 64 -2.46 14.51 -21.57
N ASP A 65 -3.21 15.53 -22.03
CA ASP A 65 -4.10 15.37 -23.18
C ASP A 65 -3.37 14.85 -24.44
N LEU A 66 -2.17 15.38 -24.72
CA LEU A 66 -1.41 15.07 -25.94
C LEU A 66 -0.45 13.85 -25.84
N HIS A 67 -0.42 13.12 -24.71
CA HIS A 67 0.48 11.99 -24.57
C HIS A 67 0.13 10.81 -25.49
N LEU A 68 1.16 10.10 -25.99
CA LEU A 68 1.03 8.93 -26.86
C LEU A 68 0.92 7.64 -26.06
N HIS A 80 -7.37 11.98 -28.96
CA HIS A 80 -7.22 12.14 -30.41
C HIS A 80 -8.30 13.06 -30.98
N ASP A 81 -9.58 12.76 -30.68
CA ASP A 81 -10.74 13.54 -31.13
C ASP A 81 -10.77 14.95 -30.51
N LEU A 82 -10.36 15.07 -29.23
CA LEU A 82 -10.28 16.34 -28.49
C LEU A 82 -9.19 17.24 -29.09
N ALA A 83 -8.04 16.64 -29.47
CA ALA A 83 -6.92 17.34 -30.09
C ALA A 83 -7.31 17.83 -31.48
N GLN A 84 -8.04 16.97 -32.24
CA GLN A 84 -8.53 17.25 -33.58
C GLN A 84 -9.46 18.47 -33.64
N ARG A 85 -10.24 18.71 -32.55
CA ARG A 85 -11.15 19.86 -32.42
C ARG A 85 -10.36 21.18 -32.32
N HIS A 86 -9.16 21.14 -31.75
CA HIS A 86 -8.29 22.31 -31.61
C HIS A 86 -7.18 22.38 -32.68
N GLY A 87 -7.32 21.56 -33.74
CA GLY A 87 -6.36 21.50 -34.84
C GLY A 87 -5.02 20.90 -34.48
N LEU A 88 -5.04 19.87 -33.62
CA LEU A 88 -3.83 19.17 -33.15
C LEU A 88 -3.89 17.67 -33.36
N GLU A 89 -2.72 17.06 -33.56
CA GLU A 89 -2.56 15.63 -33.76
C GLU A 89 -1.19 15.22 -33.27
N SER A 90 -1.17 14.45 -32.18
CA SER A 90 0.03 13.90 -31.57
C SER A 90 0.19 12.51 -32.17
N ALA A 91 1.36 12.22 -32.79
CA ALA A 91 1.61 10.95 -33.45
C ALA A 91 3.06 10.43 -33.24
N SER A 92 3.30 9.15 -33.59
CA SER A 92 4.62 8.52 -33.45
C SER A 92 4.89 7.47 -34.53
N ASP A 93 6.20 7.17 -34.74
CA ASP A 93 6.74 6.16 -35.66
C ASP A 93 7.17 4.96 -34.83
N HIS A 94 7.64 3.90 -35.49
CA HIS A 94 8.19 2.72 -34.81
C HIS A 94 9.71 2.93 -34.60
N HIS A 95 10.27 3.95 -35.31
CA HIS A 95 11.69 4.32 -35.33
C HIS A 95 12.08 5.52 -34.44
N GLY A 96 11.51 5.59 -33.24
CA GLY A 96 11.80 6.62 -32.25
C GLY A 96 11.24 8.01 -32.48
N ASN A 97 10.82 8.32 -33.72
CA ASN A 97 10.25 9.62 -34.10
C ASN A 97 8.86 9.83 -33.50
N PHE A 98 8.62 11.03 -32.98
CA PHE A 98 7.31 11.43 -32.46
C PHE A 98 7.06 12.87 -32.75
N SER A 99 5.80 13.21 -33.00
CA SER A 99 5.45 14.56 -33.48
C SER A 99 4.10 15.12 -33.07
N ILE A 100 3.97 16.44 -33.24
CA ILE A 100 2.75 17.18 -33.04
C ILE A 100 2.46 17.98 -34.32
N THR A 101 1.27 17.78 -34.91
CA THR A 101 0.84 18.53 -36.09
C THR A 101 -0.12 19.62 -35.61
N MET A 102 0.18 20.86 -36.00
CA MET A 102 -0.59 22.05 -35.67
C MET A 102 -1.20 22.59 -36.95
N ARG A 103 -2.54 22.52 -37.06
CA ARG A 103 -3.27 22.93 -38.25
C ARG A 103 -3.81 24.35 -38.13
N ASN A 104 -3.94 25.05 -39.30
CA ASN A 104 -4.50 26.40 -39.38
C ASN A 104 -3.80 27.37 -38.43
N LEU A 105 -2.46 27.47 -38.56
CA LEU A 105 -1.60 28.31 -37.71
C LEU A 105 -1.97 29.80 -37.67
N THR A 106 -1.83 30.41 -36.49
CA THR A 106 -2.06 31.85 -36.27
C THR A 106 -0.78 32.44 -35.66
N LEU A 107 -0.66 33.78 -35.73
CA LEU A 107 0.45 34.53 -35.14
C LEU A 107 0.65 34.10 -33.68
N LEU A 108 -0.45 33.88 -32.94
CA LEU A 108 -0.46 33.45 -31.54
C LEU A 108 0.28 32.13 -31.28
N ASP A 109 0.29 31.19 -32.25
CA ASP A 109 0.98 29.90 -32.10
C ASP A 109 2.50 30.05 -31.97
N SER A 110 3.08 31.22 -32.35
CA SER A 110 4.51 31.49 -32.20
C SER A 110 4.97 31.27 -30.74
N GLY A 111 6.14 30.67 -30.58
CA GLY A 111 6.72 30.41 -29.26
C GLY A 111 7.64 29.21 -29.21
N LEU A 112 8.05 28.83 -28.00
CA LEU A 112 8.93 27.68 -27.80
C LEU A 112 8.12 26.42 -27.48
N TYR A 113 8.32 25.35 -28.28
CA TYR A 113 7.65 24.06 -28.13
C TYR A 113 8.59 23.01 -27.58
N CYS A 114 8.05 22.12 -26.75
CA CYS A 114 8.81 21.16 -25.99
C CYS A 114 8.28 19.77 -26.17
N CYS A 115 9.16 18.82 -26.52
CA CYS A 115 8.81 17.42 -26.64
C CYS A 115 9.39 16.76 -25.40
N LEU A 116 8.56 16.05 -24.65
CA LEU A 116 9.01 15.44 -23.41
C LEU A 116 8.98 13.92 -23.50
N VAL A 117 10.05 13.26 -23.02
CA VAL A 117 10.15 11.79 -22.96
C VAL A 117 10.46 11.37 -21.52
N VAL A 118 9.69 10.41 -20.99
CA VAL A 118 9.92 9.84 -19.66
C VAL A 118 10.19 8.34 -19.83
N GLU A 119 11.35 7.88 -19.34
CA GLU A 119 11.77 6.47 -19.39
C GLU A 119 11.41 5.89 -18.05
N ILE A 120 10.59 4.84 -18.04
CA ILE A 120 10.18 4.20 -16.80
C ILE A 120 10.68 2.76 -16.75
N ARG A 121 11.54 2.48 -15.76
CA ARG A 121 12.00 1.15 -15.44
C ARG A 121 11.11 0.82 -14.23
N HIS A 122 10.05 0.03 -14.49
CA HIS A 122 8.95 -0.31 -13.59
C HIS A 122 9.35 -0.54 -12.12
N HIS A 123 8.81 0.33 -11.22
CA HIS A 123 9.05 0.34 -9.75
C HIS A 123 10.56 0.37 -9.44
N HIS A 124 11.38 0.96 -10.33
CA HIS A 124 12.83 0.98 -10.17
C HIS A 124 13.44 2.36 -10.39
N SER A 125 13.22 2.98 -11.56
CA SER A 125 13.78 4.30 -11.84
C SER A 125 12.98 5.01 -12.89
N GLU A 126 13.17 6.33 -12.98
CA GLU A 126 12.53 7.17 -13.97
C GLU A 126 13.52 8.24 -14.38
N HIS A 127 13.67 8.43 -15.69
CA HIS A 127 14.57 9.43 -16.25
C HIS A 127 13.78 10.27 -17.25
N ARG A 128 13.94 11.59 -17.18
CA ARG A 128 13.21 12.47 -18.09
C ARG A 128 14.12 13.38 -18.88
N VAL A 129 13.84 13.49 -20.18
CA VAL A 129 14.60 14.33 -21.11
C VAL A 129 13.59 15.09 -21.98
N HIS A 130 13.94 16.34 -22.32
CA HIS A 130 13.13 17.14 -23.21
C HIS A 130 13.99 17.82 -24.26
N GLY A 131 13.35 18.06 -25.40
CA GLY A 131 13.92 18.77 -26.52
C GLY A 131 13.10 20.02 -26.73
N ALA A 132 13.70 21.06 -27.33
CA ALA A 132 13.03 22.32 -27.57
C ALA A 132 13.23 22.79 -29.00
N MET A 133 12.20 23.45 -29.55
CA MET A 133 12.25 24.07 -30.89
C MET A 133 11.39 25.31 -30.90
N GLU A 134 11.82 26.33 -31.64
CA GLU A 134 11.09 27.58 -31.73
C GLU A 134 10.21 27.57 -32.97
N LEU A 135 8.96 28.03 -32.81
CA LEU A 135 8.01 28.16 -33.91
C LEU A 135 7.70 29.64 -34.06
N GLN A 136 7.93 30.19 -35.26
CA GLN A 136 7.60 31.59 -35.54
C GLN A 136 6.56 31.66 -36.65
N VAL A 137 5.36 32.17 -36.34
CA VAL A 137 4.29 32.33 -37.32
C VAL A 137 4.27 33.81 -37.74
N GLN A 138 4.34 34.06 -39.05
CA GLN A 138 4.40 35.41 -39.58
C GLN A 138 3.29 35.76 -40.57
N THR A 139 3.04 37.07 -40.71
CA THR A 139 2.10 37.69 -41.63
C THR A 139 2.76 38.93 -42.27
N GLY A 140 2.19 39.43 -43.36
CA GLY A 140 2.70 40.61 -44.06
C GLY A 140 3.81 40.31 -45.06
N LYS A 141 4.44 41.41 -45.56
CA LYS A 141 5.50 41.43 -46.57
C LYS A 141 6.73 40.55 -46.28
N ASP A 142 7.24 40.56 -45.04
CA ASP A 142 8.42 39.79 -44.65
C ASP A 142 8.16 38.28 -44.43
N ALA A 143 6.88 37.89 -44.28
CA ALA A 143 6.47 36.50 -44.02
C ALA A 143 6.84 35.50 -45.14
N PRO A 144 7.35 34.28 -44.79
CA PRO A 144 7.71 33.32 -45.84
C PRO A 144 6.48 32.74 -46.54
N SER A 145 6.67 32.33 -47.81
CA SER A 145 5.67 31.81 -48.76
C SER A 145 4.86 30.60 -48.28
N ASN A 146 5.56 29.63 -47.65
CA ASN A 146 5.00 28.39 -47.09
CA ASN A 146 5.01 28.39 -47.10
C ASN A 146 5.93 27.94 -45.96
N CYS A 147 5.51 26.93 -45.14
CA CYS A 147 6.36 26.48 -44.02
C CYS A 147 7.77 26.17 -44.47
N VAL A 148 8.78 26.87 -43.92
CA VAL A 148 10.21 26.69 -44.27
C VAL A 148 11.08 27.29 -43.17
N GLU B 1 15.63 1.88 -5.04
CA GLU B 1 15.80 2.68 -6.25
C GLU B 1 14.70 3.78 -6.38
N VAL B 2 13.41 3.38 -6.39
CA VAL B 2 12.25 4.29 -6.40
C VAL B 2 11.53 4.16 -5.04
N GLN B 3 11.25 5.31 -4.37
CA GLN B 3 10.54 5.30 -3.09
C GLN B 3 9.88 6.63 -2.74
N LEU B 4 8.83 6.55 -1.88
CA LEU B 4 8.08 7.68 -1.36
C LEU B 4 8.25 7.59 0.16
N VAL B 5 9.11 8.44 0.72
CA VAL B 5 9.41 8.39 2.15
C VAL B 5 8.46 9.26 2.93
N GLU B 6 7.71 8.65 3.85
CA GLU B 6 6.76 9.39 4.66
C GLU B 6 7.28 9.67 6.05
N SER B 7 6.84 10.81 6.61
CA SER B 7 7.20 11.23 7.95
C SER B 7 6.15 12.17 8.55
N GLY B 8 6.31 12.49 9.84
CA GLY B 8 5.44 13.40 10.57
C GLY B 8 4.28 12.74 11.30
N GLY B 9 4.17 11.42 11.19
CA GLY B 9 3.12 10.65 11.84
C GLY B 9 3.43 10.31 13.28
N GLY B 10 2.45 9.75 13.96
CA GLY B 10 2.62 9.35 15.35
C GLY B 10 1.45 9.70 16.24
N LEU B 11 1.74 9.85 17.54
CA LEU B 11 0.74 10.15 18.55
C LEU B 11 0.43 11.63 18.62
N VAL B 12 -0.86 11.97 18.65
CA VAL B 12 -1.31 13.35 18.73
C VAL B 12 -2.57 13.46 19.61
N GLN B 13 -2.62 14.50 20.44
CA GLN B 13 -3.76 14.73 21.31
C GLN B 13 -5.00 15.14 20.47
N PRO B 14 -6.24 14.65 20.77
CA PRO B 14 -7.42 15.08 20.00
C PRO B 14 -7.60 16.60 20.02
N GLY B 15 -7.85 17.17 18.86
CA GLY B 15 -7.99 18.61 18.68
C GLY B 15 -6.71 19.29 18.25
N LYS B 16 -5.58 18.56 18.34
CA LYS B 16 -4.27 19.10 17.98
C LYS B 16 -3.98 18.86 16.50
N SER B 17 -2.80 19.30 16.04
CA SER B 17 -2.40 19.23 14.65
CA SER B 17 -2.41 19.22 14.65
C SER B 17 -1.18 18.36 14.40
N LEU B 18 -1.04 17.91 13.14
CA LEU B 18 0.06 17.09 12.66
C LEU B 18 0.27 17.42 11.17
N ARG B 19 1.53 17.43 10.74
CA ARG B 19 1.84 17.67 9.33
C ARG B 19 2.62 16.49 8.78
N LEU B 20 2.00 15.76 7.86
CA LEU B 20 2.64 14.63 7.21
C LEU B 20 3.38 15.14 5.99
N SER B 21 4.48 14.48 5.65
CA SER B 21 5.26 14.77 4.46
C SER B 21 5.54 13.46 3.74
N CYS B 22 5.71 13.55 2.43
CA CYS B 22 5.95 12.39 1.59
C CYS B 22 6.92 12.85 0.53
N ALA B 23 8.16 12.35 0.56
CA ALA B 23 9.19 12.77 -0.40
C ALA B 23 9.64 11.65 -1.32
N ALA B 24 9.75 11.95 -2.62
CA ALA B 24 10.13 11.00 -3.65
C ALA B 24 11.59 10.95 -3.99
N SER B 25 12.12 9.73 -4.16
CA SER B 25 13.48 9.51 -4.68
C SER B 25 13.38 8.45 -5.78
N GLY B 26 14.21 8.57 -6.81
CA GLY B 26 14.20 7.68 -7.96
C GLY B 26 13.36 8.20 -9.11
N PHE B 27 12.44 9.14 -8.81
CA PHE B 27 11.54 9.79 -9.76
C PHE B 27 11.19 11.19 -9.26
N THR B 28 10.81 12.10 -10.16
CA THR B 28 10.41 13.47 -9.81
C THR B 28 8.89 13.54 -9.77
N LEU B 29 8.34 14.36 -8.86
CA LEU B 29 6.91 14.55 -8.64
C LEU B 29 6.26 15.52 -9.64
N GLU B 30 7.07 16.41 -10.24
CA GLU B 30 6.65 17.54 -11.09
C GLU B 30 5.57 17.23 -12.17
N ASP B 31 5.49 16.01 -12.72
CA ASP B 31 4.51 15.70 -13.77
C ASP B 31 3.26 15.00 -13.24
N TYR B 32 3.24 14.63 -11.96
CA TYR B 32 2.23 13.75 -11.40
C TYR B 32 1.29 14.27 -10.38
N ALA B 33 0.06 13.76 -10.43
CA ALA B 33 -0.94 14.02 -9.39
C ALA B 33 -0.50 13.11 -8.21
N MET B 34 -0.68 13.55 -6.98
CA MET B 34 -0.31 12.80 -5.77
C MET B 34 -1.49 12.74 -4.85
N HIS B 35 -1.64 11.62 -4.11
CA HIS B 35 -2.80 11.39 -3.27
C HIS B 35 -2.43 10.89 -1.88
N TRP B 36 -3.32 11.17 -0.90
CA TRP B 36 -3.25 10.61 0.44
C TRP B 36 -4.41 9.61 0.57
N VAL B 37 -4.10 8.39 1.01
CA VAL B 37 -5.10 7.33 1.19
C VAL B 37 -4.85 6.79 2.60
N ARG B 38 -5.89 6.67 3.41
CA ARG B 38 -5.72 6.14 4.77
C ARG B 38 -6.49 4.87 4.99
N GLN B 39 -6.12 4.15 6.07
CA GLN B 39 -6.79 2.91 6.39
C GLN B 39 -6.73 2.67 7.90
N ALA B 40 -7.89 2.66 8.53
CA ALA B 40 -7.97 2.36 9.98
C ALA B 40 -7.67 0.85 10.12
N PRO B 41 -6.91 0.39 11.16
CA PRO B 41 -6.57 -1.05 11.24
C PRO B 41 -7.78 -1.97 11.12
N GLY B 42 -7.65 -2.94 10.21
CA GLY B 42 -8.70 -3.91 9.91
C GLY B 42 -9.85 -3.36 9.10
N LYS B 43 -9.73 -2.10 8.60
CA LYS B 43 -10.79 -1.48 7.80
C LYS B 43 -10.38 -1.31 6.32
N GLY B 44 -11.28 -0.78 5.50
CA GLY B 44 -11.04 -0.56 4.09
C GLY B 44 -10.23 0.70 3.84
N LEU B 45 -9.79 0.86 2.59
CA LEU B 45 -9.07 2.04 2.16
C LEU B 45 -10.03 3.22 2.08
N GLU B 46 -9.52 4.39 2.41
CA GLU B 46 -10.29 5.62 2.35
C GLU B 46 -9.43 6.70 1.72
N TRP B 47 -9.91 7.23 0.58
CA TRP B 47 -9.22 8.30 -0.11
C TRP B 47 -9.38 9.56 0.75
N VAL B 48 -8.26 10.28 1.02
CA VAL B 48 -8.29 11.45 1.89
C VAL B 48 -8.30 12.72 1.08
N SER B 49 -7.34 12.83 0.16
CA SER B 49 -7.13 14.02 -0.65
C SER B 49 -6.24 13.73 -1.85
N GLY B 50 -6.32 14.59 -2.86
CA GLY B 50 -5.56 14.49 -4.09
C GLY B 50 -5.20 15.87 -4.58
N ILE B 51 -4.07 15.99 -5.29
CA ILE B 51 -3.59 17.28 -5.82
C ILE B 51 -2.93 17.03 -7.17
N ASP B 52 -3.26 17.83 -8.21
CA ASP B 52 -2.61 17.62 -9.51
C ASP B 52 -1.18 18.20 -9.51
N TRP B 53 -0.42 18.00 -10.60
CA TRP B 53 0.98 18.41 -10.69
C TRP B 53 1.27 19.90 -10.37
N ASN B 54 0.40 20.83 -10.80
CA ASN B 54 0.63 22.27 -10.63
C ASN B 54 -0.23 22.90 -9.52
N SER B 55 -0.76 22.06 -8.61
CA SER B 55 -1.59 22.47 -7.46
C SER B 55 -2.86 23.26 -7.87
N GLU B 56 -3.45 22.95 -9.03
CA GLU B 56 -4.67 23.63 -9.46
C GLU B 56 -5.86 22.86 -8.98
N ASN B 57 -5.99 21.58 -9.40
CA ASN B 57 -7.07 20.69 -8.99
C ASN B 57 -6.71 20.03 -7.66
N ILE B 58 -7.56 20.25 -6.65
CA ILE B 58 -7.44 19.71 -5.29
C ILE B 58 -8.83 19.14 -4.89
N GLY B 59 -8.83 17.96 -4.27
CA GLY B 59 -10.04 17.33 -3.76
C GLY B 59 -9.86 16.83 -2.34
N TYR B 60 -10.95 16.77 -1.57
CA TYR B 60 -10.93 16.25 -0.20
C TYR B 60 -12.12 15.32 0.04
N ALA B 61 -11.91 14.30 0.90
CA ALA B 61 -12.99 13.46 1.44
C ALA B 61 -13.80 14.45 2.28
N ASP B 62 -15.13 14.31 2.31
CA ASP B 62 -16.01 15.22 3.04
C ASP B 62 -15.63 15.40 4.51
N SER B 63 -15.35 14.29 5.20
CA SER B 63 -15.02 14.30 6.63
C SER B 63 -13.75 15.08 7.02
N VAL B 64 -12.86 15.38 6.04
CA VAL B 64 -11.59 16.09 6.30
C VAL B 64 -11.58 17.55 5.74
N LYS B 65 -12.58 17.90 4.91
CA LYS B 65 -12.71 19.23 4.31
C LYS B 65 -12.74 20.32 5.39
N GLY B 66 -11.88 21.32 5.23
CA GLY B 66 -11.74 22.40 6.20
C GLY B 66 -10.64 22.12 7.21
N ARG B 67 -10.54 20.87 7.70
CA ARG B 67 -9.54 20.49 8.71
C ARG B 67 -8.17 20.15 8.11
N PHE B 68 -8.18 19.44 6.97
CA PHE B 68 -6.95 19.01 6.32
C PHE B 68 -6.66 19.89 5.09
N THR B 69 -5.38 20.15 4.84
CA THR B 69 -4.92 20.90 3.67
C THR B 69 -3.80 20.14 2.97
N ILE B 70 -4.03 19.76 1.73
CA ILE B 70 -3.01 19.09 0.91
C ILE B 70 -2.22 20.18 0.19
N SER B 71 -0.91 19.99 0.08
CA SER B 71 -0.05 20.90 -0.65
C SER B 71 1.14 20.10 -1.16
N ARG B 72 1.99 20.74 -1.94
CA ARG B 72 3.16 20.09 -2.51
C ARG B 72 4.22 21.14 -2.86
N ASP B 73 5.46 20.68 -3.00
CA ASP B 73 6.61 21.49 -3.39
C ASP B 73 7.38 20.62 -4.37
N ASN B 74 7.17 20.85 -5.68
CA ASN B 74 7.82 20.05 -6.73
C ASN B 74 9.34 20.15 -6.69
N ALA B 75 9.89 21.30 -6.26
CA ALA B 75 11.33 21.51 -6.12
C ALA B 75 11.96 20.63 -5.02
N LYS B 76 11.18 20.29 -3.98
CA LYS B 76 11.57 19.41 -2.87
C LYS B 76 11.03 17.99 -3.10
N ASN B 77 10.36 17.77 -4.26
CA ASN B 77 9.72 16.51 -4.64
C ASN B 77 8.92 15.98 -3.45
N SER B 78 8.18 16.90 -2.79
CA SER B 78 7.43 16.59 -1.58
C SER B 78 5.96 16.91 -1.66
N LEU B 79 5.16 16.04 -1.04
CA LEU B 79 3.71 16.16 -0.89
C LEU B 79 3.46 16.32 0.61
N TYR B 80 2.53 17.22 0.99
CA TYR B 80 2.21 17.48 2.40
C TYR B 80 0.74 17.30 2.71
N LEU B 81 0.44 17.06 4.00
CA LEU B 81 -0.91 16.99 4.52
C LEU B 81 -0.93 17.63 5.89
N GLN B 82 -1.46 18.86 5.95
CA GLN B 82 -1.62 19.61 7.21
C GLN B 82 -2.96 19.16 7.80
N MET B 83 -2.92 18.50 8.96
CA MET B 83 -4.13 17.97 9.59
C MET B 83 -4.45 18.74 10.89
N ASN B 84 -5.53 19.52 10.90
CA ASN B 84 -5.94 20.28 12.10
C ASN B 84 -7.16 19.64 12.73
N SER B 85 -7.47 20.02 14.00
CA SER B 85 -8.66 19.58 14.73
C SER B 85 -8.81 18.04 14.62
N LEU B 86 -7.70 17.33 14.88
CA LEU B 86 -7.65 15.86 14.75
C LEU B 86 -8.59 15.15 15.70
N ARG B 87 -9.30 14.15 15.18
CA ARG B 87 -10.27 13.36 15.96
C ARG B 87 -9.86 11.89 16.03
N THR B 88 -10.37 11.17 17.03
CA THR B 88 -10.06 9.73 17.17
C THR B 88 -10.36 8.94 15.88
N GLU B 89 -11.41 9.36 15.12
CA GLU B 89 -11.84 8.79 13.83
C GLU B 89 -10.75 8.92 12.74
N ASP B 90 -9.76 9.83 12.96
CA ASP B 90 -8.63 10.04 12.04
C ASP B 90 -7.49 9.06 12.30
N THR B 91 -7.57 8.27 13.37
CA THR B 91 -6.55 7.25 13.67
C THR B 91 -6.51 6.26 12.51
N ALA B 92 -5.35 6.11 11.87
CA ALA B 92 -5.19 5.25 10.71
C ALA B 92 -3.77 5.25 10.24
N LEU B 93 -3.43 4.31 9.34
CA LEU B 93 -2.17 4.30 8.62
C LEU B 93 -2.42 5.20 7.37
N TYR B 94 -1.59 6.25 7.18
CA TYR B 94 -1.72 7.19 6.05
C TYR B 94 -0.68 6.90 5.01
N TYR B 95 -1.12 6.58 3.79
CA TYR B 95 -0.25 6.33 2.65
C TYR B 95 -0.26 7.54 1.73
N CYS B 96 0.87 7.82 1.11
CA CYS B 96 0.89 8.77 0.01
C CYS B 96 1.10 7.89 -1.22
N ALA B 97 0.51 8.29 -2.35
CA ALA B 97 0.58 7.49 -3.57
C ALA B 97 0.57 8.30 -4.87
N LYS B 98 1.33 7.82 -5.83
CA LYS B 98 1.39 8.31 -7.20
C LYS B 98 0.47 7.30 -7.92
N VAL B 99 -0.81 7.67 -8.07
CA VAL B 99 -1.88 6.81 -8.61
C VAL B 99 -2.84 7.65 -9.47
N PRO B 100 -3.77 7.02 -10.25
CA PRO B 100 -4.70 7.81 -11.08
C PRO B 100 -5.67 8.70 -10.29
N GLY B 101 -6.12 9.78 -10.93
CA GLY B 101 -6.99 10.80 -10.35
C GLY B 101 -6.29 12.13 -10.46
N TYR B 102 -6.84 13.06 -11.27
CA TYR B 102 -6.22 14.36 -11.62
C TYR B 102 -4.94 14.16 -12.43
N SER B 103 -4.73 12.94 -12.97
CA SER B 103 -3.51 12.57 -13.69
C SER B 103 -3.60 12.74 -15.20
N GLY B 104 -4.82 12.69 -15.73
CA GLY B 104 -5.07 12.79 -17.16
C GLY B 104 -4.43 11.68 -17.96
N GLY B 105 -4.23 10.53 -17.30
CA GLY B 105 -3.61 9.37 -17.92
C GLY B 105 -2.08 9.34 -17.83
N TRP B 106 -1.48 10.44 -17.34
CA TRP B 106 -0.01 10.56 -17.22
C TRP B 106 0.46 10.38 -15.75
N ILE B 107 1.06 9.21 -15.35
CA ILE B 107 1.27 7.99 -16.13
C ILE B 107 0.57 6.87 -15.34
N ASP B 108 -0.68 6.58 -15.77
CA ASP B 108 -1.59 5.69 -15.06
C ASP B 108 -1.13 4.23 -14.93
N ALA B 109 -0.38 3.71 -15.90
CA ALA B 109 0.14 2.33 -15.85
C ALA B 109 1.18 2.11 -14.75
N GLU B 110 1.83 3.18 -14.29
CA GLU B 110 2.86 3.11 -13.26
C GLU B 110 2.34 3.66 -11.93
N ASP B 111 2.27 2.82 -10.88
CA ASP B 111 1.85 3.37 -9.59
C ASP B 111 3.05 3.32 -8.64
N ASP B 112 3.01 4.11 -7.56
CA ASP B 112 4.05 4.09 -6.51
C ASP B 112 3.39 4.48 -5.21
N TRP B 113 3.67 3.72 -4.15
CA TRP B 113 3.09 3.93 -2.83
C TRP B 113 4.14 4.07 -1.77
N GLY B 114 3.87 4.94 -0.81
CA GLY B 114 4.71 5.07 0.38
C GLY B 114 4.48 3.85 1.26
N GLN B 115 5.32 3.63 2.27
CA GLN B 115 5.12 2.47 3.15
C GLN B 115 3.98 2.68 4.16
N GLY B 116 3.52 3.91 4.28
CA GLY B 116 2.48 4.28 5.22
C GLY B 116 3.07 4.71 6.55
N THR B 117 2.46 5.74 7.15
CA THR B 117 2.83 6.24 8.47
C THR B 117 1.61 6.25 9.35
N MET B 118 1.74 5.67 10.56
CA MET B 118 0.63 5.56 11.49
C MET B 118 0.37 6.87 12.21
N VAL B 119 -0.90 7.28 12.23
CA VAL B 119 -1.33 8.47 12.96
C VAL B 119 -2.30 7.96 14.01
N THR B 120 -2.00 8.20 15.28
CA THR B 120 -2.85 7.80 16.39
C THR B 120 -3.31 9.04 17.12
N VAL B 121 -4.63 9.28 17.12
CA VAL B 121 -5.21 10.43 17.80
C VAL B 121 -5.76 9.94 19.14
N SER B 122 -5.05 10.23 20.21
CA SER B 122 -5.43 9.74 21.56
C SER B 122 -4.90 10.65 22.63
N SER B 123 -5.58 10.67 23.78
CA SER B 123 -5.16 11.46 24.94
C SER B 123 -4.17 10.64 25.80
N ALA B 124 -4.01 9.32 25.51
CA ALA B 124 -3.11 8.44 26.28
C ALA B 124 -1.64 8.72 25.98
N SER B 125 -0.77 8.40 26.92
CA SER B 125 0.66 8.62 26.80
C SER B 125 1.32 7.47 26.04
N THR B 126 2.49 7.77 25.46
CA THR B 126 3.37 6.82 24.79
C THR B 126 3.89 5.87 25.87
N LYS B 127 3.99 4.58 25.53
CA LYS B 127 4.48 3.57 26.46
C LYS B 127 5.24 2.51 25.67
N GLY B 128 6.52 2.35 25.99
CA GLY B 128 7.42 1.39 25.36
C GLY B 128 7.12 -0.03 25.79
N PRO B 129 7.27 -1.02 24.90
CA PRO B 129 6.94 -2.41 25.31
C PRO B 129 7.93 -3.09 26.25
N SER B 130 7.46 -4.15 26.93
CA SER B 130 8.28 -5.07 27.73
C SER B 130 8.31 -6.36 26.87
N VAL B 131 9.51 -6.87 26.56
CA VAL B 131 9.65 -8.06 25.70
C VAL B 131 10.06 -9.27 26.54
N PHE B 132 9.24 -10.34 26.51
CA PHE B 132 9.52 -11.56 27.29
C PHE B 132 9.71 -12.77 26.38
N PRO B 133 10.67 -13.67 26.67
CA PRO B 133 10.85 -14.83 25.80
C PRO B 133 9.70 -15.84 25.93
N LEU B 134 9.42 -16.55 24.84
CA LEU B 134 8.48 -17.68 24.80
C LEU B 134 9.45 -18.82 24.52
N ALA B 135 10.00 -19.37 25.60
CA ALA B 135 11.08 -20.35 25.55
C ALA B 135 10.70 -21.74 25.03
N PRO B 136 11.50 -22.26 24.07
CA PRO B 136 11.28 -23.65 23.62
C PRO B 136 11.74 -24.63 24.72
N SER B 137 11.05 -25.76 24.85
CA SER B 137 11.36 -26.77 25.86
C SER B 137 11.40 -28.18 25.27
N SER B 138 12.08 -29.12 25.97
CA SER B 138 12.24 -30.53 25.56
C SER B 138 10.89 -31.27 25.51
N LYS B 139 9.97 -30.93 26.43
CA LYS B 139 8.63 -31.50 26.47
C LYS B 139 7.68 -30.87 25.41
N SER B 140 7.93 -29.62 24.99
CA SER B 140 7.10 -28.92 24.00
C SER B 140 7.48 -29.20 22.54
N THR B 141 8.61 -29.88 22.31
CA THR B 141 9.09 -30.23 20.98
C THR B 141 8.16 -31.29 20.34
N SER B 142 7.71 -31.03 19.09
CA SER B 142 6.84 -31.94 18.35
C SER B 142 7.34 -32.18 16.93
N GLY B 143 7.48 -33.45 16.57
CA GLY B 143 7.95 -33.90 15.26
C GLY B 143 9.27 -33.31 14.83
N GLY B 144 10.22 -33.28 15.76
CA GLY B 144 11.55 -32.71 15.58
C GLY B 144 11.58 -31.20 15.40
N THR B 145 10.46 -30.52 15.73
CA THR B 145 10.28 -29.07 15.60
C THR B 145 10.04 -28.42 16.96
N ALA B 146 10.74 -27.33 17.21
CA ALA B 146 10.59 -26.54 18.42
C ALA B 146 9.91 -25.22 18.03
N ALA B 147 9.02 -24.72 18.90
CA ALA B 147 8.43 -23.40 18.67
C ALA B 147 8.98 -22.47 19.74
N LEU B 148 9.32 -21.25 19.32
CA LEU B 148 9.86 -20.25 20.23
C LEU B 148 9.33 -18.91 19.79
N GLY B 149 9.37 -17.93 20.67
CA GLY B 149 8.84 -16.62 20.32
C GLY B 149 9.16 -15.55 21.32
N CYS B 150 8.54 -14.38 21.13
CA CYS B 150 8.67 -13.24 22.01
C CYS B 150 7.30 -12.66 22.24
N LEU B 151 6.99 -12.38 23.51
CA LEU B 151 5.75 -11.74 23.94
C LEU B 151 6.10 -10.26 24.13
N VAL B 152 5.47 -9.40 23.34
CA VAL B 152 5.67 -7.95 23.31
C VAL B 152 4.47 -7.37 24.03
N LYS B 153 4.68 -7.02 25.30
CA LYS B 153 3.62 -6.59 26.18
C LYS B 153 3.61 -5.12 26.57
N ASP B 154 2.39 -4.58 26.72
CA ASP B 154 2.07 -3.27 27.31
C ASP B 154 2.69 -2.09 26.61
N TYR B 155 2.31 -1.88 25.37
CA TYR B 155 2.81 -0.72 24.63
C TYR B 155 1.67 0.11 24.10
N PHE B 156 1.96 1.38 23.83
CA PHE B 156 1.01 2.31 23.24
C PHE B 156 1.77 3.43 22.57
N PRO B 157 1.33 3.91 21.39
CA PRO B 157 0.24 3.36 20.56
C PRO B 157 0.82 2.28 19.64
N GLU B 158 0.01 1.81 18.69
CA GLU B 158 0.50 0.93 17.64
C GLU B 158 1.39 1.77 16.68
N PRO B 159 2.29 1.14 15.91
CA PRO B 159 2.54 -0.30 15.79
C PRO B 159 3.88 -0.75 16.41
N VAL B 160 4.04 -2.06 16.58
CA VAL B 160 5.33 -2.66 16.86
C VAL B 160 5.63 -3.56 15.65
N THR B 161 6.92 -3.73 15.30
CA THR B 161 7.35 -4.67 14.28
C THR B 161 8.32 -5.60 14.95
N VAL B 162 8.34 -6.86 14.50
CA VAL B 162 9.23 -7.86 15.04
C VAL B 162 9.95 -8.50 13.86
N SER B 163 11.26 -8.67 13.96
CA SER B 163 12.04 -9.42 12.97
C SER B 163 12.81 -10.46 13.80
N TRP B 164 13.37 -11.47 13.15
CA TRP B 164 14.15 -12.50 13.85
C TRP B 164 15.54 -12.57 13.24
N ASN B 165 16.57 -12.61 14.09
CA ASN B 165 17.98 -12.65 13.67
C ASN B 165 18.29 -11.56 12.65
N SER B 166 17.87 -10.32 12.97
CA SER B 166 18.09 -9.11 12.16
C SER B 166 17.57 -9.25 10.71
N GLY B 167 16.49 -10.02 10.55
CA GLY B 167 15.87 -10.24 9.24
C GLY B 167 16.36 -11.46 8.50
N ALA B 168 17.40 -12.16 9.02
CA ALA B 168 17.92 -13.39 8.39
C ALA B 168 16.92 -14.55 8.53
N LEU B 169 16.05 -14.52 9.57
CA LEU B 169 15.06 -15.58 9.79
C LEU B 169 13.66 -15.07 9.45
N THR B 170 13.11 -15.53 8.32
CA THR B 170 11.79 -15.10 7.85
C THR B 170 10.79 -16.25 7.71
N SER B 171 11.24 -17.42 7.19
CA SER B 171 10.37 -18.59 7.00
C SER B 171 9.99 -19.20 8.35
N GLY B 172 8.71 -19.56 8.47
CA GLY B 172 8.16 -20.17 9.69
C GLY B 172 7.79 -19.16 10.76
N VAL B 173 7.92 -17.85 10.46
CA VAL B 173 7.60 -16.78 11.42
C VAL B 173 6.12 -16.42 11.35
N HIS B 174 5.46 -16.24 12.52
CA HIS B 174 4.10 -15.71 12.58
C HIS B 174 4.06 -14.61 13.61
N THR B 175 3.84 -13.36 13.18
CA THR B 175 3.72 -12.22 14.07
C THR B 175 2.24 -11.91 14.12
N PHE B 176 1.63 -12.18 15.27
CA PHE B 176 0.21 -12.03 15.47
C PHE B 176 -0.24 -10.58 15.49
N PRO B 177 -1.50 -10.32 15.07
CA PRO B 177 -2.04 -8.95 15.18
C PRO B 177 -2.09 -8.57 16.64
N ALA B 178 -1.85 -7.28 16.95
CA ALA B 178 -1.90 -6.79 18.33
C ALA B 178 -3.30 -6.92 18.91
N VAL B 179 -3.37 -7.11 20.23
CA VAL B 179 -4.64 -7.18 20.92
C VAL B 179 -4.66 -6.04 21.92
N LEU B 180 -5.79 -5.30 21.97
CA LEU B 180 -5.95 -4.21 22.90
C LEU B 180 -6.40 -4.82 24.23
N GLN B 181 -5.57 -4.68 25.27
CA GLN B 181 -5.87 -5.23 26.60
C GLN B 181 -6.80 -4.28 27.33
N SER B 182 -7.44 -4.75 28.43
CA SER B 182 -8.37 -3.92 29.23
C SER B 182 -7.71 -2.67 29.84
N SER B 183 -6.37 -2.70 30.08
CA SER B 183 -5.57 -1.58 30.59
C SER B 183 -5.43 -0.41 29.59
N GLY B 184 -5.82 -0.65 28.33
CA GLY B 184 -5.70 0.34 27.26
C GLY B 184 -4.36 0.26 26.55
N LEU B 185 -3.52 -0.75 26.91
CA LEU B 185 -2.22 -1.00 26.28
C LEU B 185 -2.30 -2.22 25.38
N TYR B 186 -1.50 -2.25 24.30
CA TYR B 186 -1.48 -3.38 23.37
C TYR B 186 -0.50 -4.47 23.78
N SER B 187 -0.71 -5.66 23.21
CA SER B 187 0.17 -6.78 23.38
C SER B 187 0.14 -7.57 22.08
N LEU B 188 1.26 -8.16 21.72
CA LEU B 188 1.36 -9.11 20.62
C LEU B 188 2.46 -10.16 20.89
N SER B 189 2.40 -11.28 20.18
CA SER B 189 3.42 -12.31 20.27
C SER B 189 3.92 -12.56 18.85
N SER B 190 5.19 -12.90 18.72
CA SER B 190 5.77 -13.30 17.44
C SER B 190 6.38 -14.66 17.71
N VAL B 191 6.09 -15.65 16.85
CA VAL B 191 6.58 -17.03 17.03
C VAL B 191 7.30 -17.51 15.78
N VAL B 192 8.14 -18.52 15.96
CA VAL B 192 8.86 -19.18 14.89
C VAL B 192 9.02 -20.65 15.27
N THR B 193 8.95 -21.51 14.26
CA THR B 193 9.15 -22.94 14.42
C THR B 193 10.45 -23.27 13.70
N VAL B 194 11.36 -23.90 14.44
CA VAL B 194 12.69 -24.24 13.95
C VAL B 194 12.93 -25.73 14.24
N PRO B 195 13.94 -26.36 13.61
CA PRO B 195 14.25 -27.75 14.00
C PRO B 195 14.77 -27.79 15.45
N SER B 196 14.26 -28.72 16.27
CA SER B 196 14.72 -28.90 17.65
C SER B 196 16.25 -29.12 17.73
N SER B 197 16.85 -29.80 16.73
CA SER B 197 18.29 -30.06 16.62
C SER B 197 19.13 -28.78 16.36
N SER B 198 18.49 -27.69 15.94
CA SER B 198 19.17 -26.43 15.67
C SER B 198 19.22 -25.53 16.92
N LEU B 199 18.70 -26.02 18.08
CA LEU B 199 18.72 -25.26 19.33
C LEU B 199 20.12 -25.09 19.89
N GLY B 200 20.97 -26.10 19.68
CA GLY B 200 22.36 -26.10 20.13
C GLY B 200 23.35 -25.58 19.10
N THR B 201 22.90 -25.34 17.86
CA THR B 201 23.78 -24.88 16.76
C THR B 201 23.39 -23.49 16.17
N GLN B 202 22.30 -22.87 16.67
CA GLN B 202 21.82 -21.56 16.24
C GLN B 202 21.31 -20.73 17.42
N THR B 203 21.48 -19.40 17.32
CA THR B 203 20.98 -18.45 18.31
C THR B 203 19.73 -17.78 17.74
N TYR B 204 18.69 -17.58 18.56
CA TYR B 204 17.46 -16.94 18.11
C TYR B 204 17.21 -15.65 18.87
N ILE B 205 17.16 -14.54 18.15
CA ILE B 205 16.96 -13.23 18.77
C ILE B 205 15.79 -12.54 18.08
N CYS B 206 14.80 -12.08 18.86
CA CYS B 206 13.72 -11.30 18.25
C CYS B 206 14.11 -9.83 18.36
N ASN B 207 13.87 -9.08 17.30
CA ASN B 207 14.20 -7.65 17.25
C ASN B 207 12.87 -6.94 17.22
N VAL B 208 12.51 -6.31 18.34
CA VAL B 208 11.24 -5.63 18.52
C VAL B 208 11.43 -4.10 18.38
N ASN B 209 10.71 -3.50 17.46
CA ASN B 209 10.76 -2.06 17.25
C ASN B 209 9.44 -1.43 17.59
N HIS B 210 9.49 -0.34 18.34
CA HIS B 210 8.32 0.46 18.65
C HIS B 210 8.76 1.91 18.41
N LYS B 211 8.64 2.35 17.15
CA LYS B 211 9.02 3.72 16.73
C LYS B 211 8.34 4.82 17.56
N PRO B 212 7.02 4.77 17.93
CA PRO B 212 6.45 5.84 18.76
C PRO B 212 7.20 6.15 20.06
N SER B 213 7.87 5.16 20.69
CA SER B 213 8.61 5.42 21.94
C SER B 213 10.12 5.41 21.69
N ASN B 214 10.56 5.41 20.39
CA ASN B 214 11.97 5.30 20.02
C ASN B 214 12.60 4.06 20.65
N THR B 215 11.84 2.95 20.67
CA THR B 215 12.30 1.70 21.28
C THR B 215 12.68 0.62 20.30
N LYS B 216 13.79 -0.05 20.61
CA LYS B 216 14.25 -1.26 19.93
C LYS B 216 14.79 -2.19 21.00
N VAL B 217 14.18 -3.37 21.13
CA VAL B 217 14.60 -4.41 22.09
C VAL B 217 15.05 -5.65 21.30
N ASP B 218 16.27 -6.14 21.57
CA ASP B 218 16.78 -7.37 20.96
C ASP B 218 16.76 -8.42 22.06
N LYS B 219 15.88 -9.40 21.97
CA LYS B 219 15.75 -10.39 23.03
C LYS B 219 16.14 -11.78 22.57
N ARG B 220 17.18 -12.34 23.22
CA ARG B 220 17.66 -13.69 22.95
C ARG B 220 16.66 -14.67 23.55
N VAL B 221 16.25 -15.66 22.77
CA VAL B 221 15.28 -16.69 23.19
C VAL B 221 16.01 -18.02 23.26
N GLU B 222 16.35 -18.41 24.48
CA GLU B 222 17.11 -19.63 24.77
C GLU B 222 16.21 -20.75 25.29
N PRO B 223 16.54 -22.04 25.01
CA PRO B 223 15.74 -23.14 25.58
C PRO B 223 15.74 -23.08 27.11
N LYS B 224 14.57 -23.35 27.74
CA LYS B 224 14.36 -23.32 29.19
C LYS B 224 13.11 -24.12 29.56
N GLU C 1 -22.57 12.72 -5.17
CA GLU C 1 -21.34 11.94 -5.11
C GLU C 1 -21.52 10.52 -5.60
N ILE C 2 -20.50 9.98 -6.27
CA ILE C 2 -20.55 8.61 -6.78
C ILE C 2 -20.26 7.64 -5.64
N VAL C 3 -21.22 6.76 -5.35
CA VAL C 3 -21.01 5.76 -4.31
C VAL C 3 -20.83 4.39 -4.95
N LEU C 4 -19.74 3.70 -4.58
CA LEU C 4 -19.45 2.37 -5.11
C LEU C 4 -19.80 1.25 -4.14
N THR C 5 -20.31 0.14 -4.68
CA THR C 5 -20.62 -1.07 -3.92
C THR C 5 -19.85 -2.19 -4.56
N GLN C 6 -19.54 -3.23 -3.79
CA GLN C 6 -18.82 -4.37 -4.36
C GLN C 6 -19.50 -5.63 -3.91
N SER C 7 -19.53 -6.64 -4.79
CA SER C 7 -20.10 -7.94 -4.46
C SER C 7 -19.27 -9.08 -5.09
N PRO C 8 -19.15 -10.24 -4.40
CA PRO C 8 -19.63 -10.52 -3.02
C PRO C 8 -18.72 -9.85 -1.99
N GLY C 9 -19.12 -9.80 -0.73
CA GLY C 9 -18.27 -9.23 0.32
C GLY C 9 -17.05 -10.12 0.54
N THR C 10 -17.25 -11.43 0.48
CA THR C 10 -16.21 -12.45 0.61
C THR C 10 -16.42 -13.49 -0.48
N LEU C 11 -15.33 -13.97 -1.06
CA LEU C 11 -15.30 -15.04 -2.06
C LEU C 11 -14.28 -16.07 -1.59
N SER C 12 -14.70 -17.32 -1.44
CA SER C 12 -13.84 -18.39 -0.98
C SER C 12 -13.76 -19.40 -2.13
N LEU C 13 -12.57 -19.57 -2.73
CA LEU C 13 -12.41 -20.48 -3.90
C LEU C 13 -11.14 -21.31 -3.84
N SER C 14 -11.17 -22.46 -4.52
CA SER C 14 -10.03 -23.35 -4.62
C SER C 14 -9.09 -22.78 -5.67
N PRO C 15 -7.75 -22.96 -5.52
CA PRO C 15 -6.83 -22.51 -6.59
C PRO C 15 -7.18 -23.15 -7.94
N GLY C 16 -6.98 -22.40 -9.02
CA GLY C 16 -7.28 -22.84 -10.38
C GLY C 16 -8.65 -22.36 -10.83
N GLU C 17 -9.55 -22.03 -9.88
CA GLU C 17 -10.90 -21.51 -10.17
C GLU C 17 -10.84 -20.06 -10.69
N ARG C 18 -11.99 -19.58 -11.19
CA ARG C 18 -12.14 -18.22 -11.70
C ARG C 18 -12.91 -17.39 -10.66
N ALA C 19 -12.35 -16.24 -10.27
CA ALA C 19 -13.00 -15.31 -9.35
C ALA C 19 -13.63 -14.17 -10.16
N THR C 20 -14.96 -13.92 -9.98
CA THR C 20 -15.68 -12.84 -10.66
C THR C 20 -16.08 -11.85 -9.59
N LEU C 21 -15.46 -10.66 -9.63
CA LEU C 21 -15.69 -9.59 -8.66
C LEU C 21 -16.49 -8.49 -9.32
N SER C 22 -17.48 -7.94 -8.62
CA SER C 22 -18.33 -6.90 -9.19
C SER C 22 -18.18 -5.58 -8.46
N CYS C 23 -18.25 -4.50 -9.23
CA CYS C 23 -18.21 -3.14 -8.72
C CYS C 23 -19.37 -2.42 -9.40
N ARG C 24 -20.26 -1.85 -8.59
CA ARG C 24 -21.41 -1.08 -9.10
C ARG C 24 -21.29 0.36 -8.65
N ALA C 25 -21.63 1.31 -9.53
CA ALA C 25 -21.59 2.74 -9.24
C ALA C 25 -23.00 3.27 -9.20
N SER C 26 -23.28 4.22 -8.28
CA SER C 26 -24.60 4.84 -8.10
C SER C 26 -25.02 5.67 -9.33
N GLN C 27 -24.06 6.03 -10.19
CA GLN C 27 -24.29 6.73 -11.46
C GLN C 27 -23.16 6.36 -12.41
N SER C 28 -23.35 6.65 -13.71
CA SER C 28 -22.37 6.36 -14.76
C SER C 28 -20.99 6.93 -14.40
N VAL C 29 -19.93 6.11 -14.52
CA VAL C 29 -18.56 6.56 -14.25
C VAL C 29 -17.97 7.12 -15.57
N SER C 30 -17.58 8.41 -15.56
CA SER C 30 -17.01 9.21 -16.66
C SER C 30 -16.87 8.55 -18.04
N SER C 32 -15.33 5.63 -17.72
CA SER C 32 -14.43 4.51 -17.50
C SER C 32 -13.19 4.82 -16.64
N TYR C 33 -13.16 5.95 -15.87
CA TYR C 33 -12.06 6.24 -14.93
C TYR C 33 -12.29 5.38 -13.66
N LEU C 34 -12.18 4.06 -13.84
CA LEU C 34 -12.43 3.03 -12.85
C LEU C 34 -11.16 2.18 -12.68
N ALA C 35 -10.68 2.15 -11.44
CA ALA C 35 -9.47 1.42 -11.09
C ALA C 35 -9.79 0.25 -10.17
N TRP C 36 -8.96 -0.80 -10.23
CA TRP C 36 -9.02 -1.93 -9.29
C TRP C 36 -7.68 -2.01 -8.60
N TYR C 37 -7.70 -2.18 -7.26
CA TYR C 37 -6.50 -2.33 -6.43
C TYR C 37 -6.54 -3.67 -5.71
N GLN C 38 -5.36 -4.26 -5.48
CA GLN C 38 -5.20 -5.50 -4.70
C GLN C 38 -4.39 -5.13 -3.46
N GLN C 39 -4.85 -5.54 -2.28
CA GLN C 39 -4.09 -5.31 -1.06
C GLN C 39 -3.95 -6.61 -0.25
N LYS C 40 -2.70 -7.02 -0.04
CA LYS C 40 -2.29 -8.18 0.74
C LYS C 40 -1.92 -7.71 2.14
N PRO C 41 -2.01 -8.57 3.18
CA PRO C 41 -1.71 -8.12 4.56
C PRO C 41 -0.32 -7.54 4.75
N GLY C 42 -0.24 -6.48 5.55
CA GLY C 42 1.00 -5.77 5.86
C GLY C 42 1.65 -5.01 4.72
N GLN C 43 0.90 -4.79 3.63
CA GLN C 43 1.44 -4.10 2.44
C GLN C 43 0.52 -3.02 1.95
N ALA C 44 1.09 -2.06 1.22
CA ALA C 44 0.33 -1.00 0.56
C ALA C 44 -0.49 -1.65 -0.56
N PRO C 45 -1.63 -1.06 -0.97
CA PRO C 45 -2.33 -1.61 -2.14
C PRO C 45 -1.47 -1.46 -3.41
N ARG C 46 -1.79 -2.29 -4.38
CA ARG C 46 -1.13 -2.34 -5.68
C ARG C 46 -2.21 -2.08 -6.76
N LEU C 47 -1.95 -1.17 -7.70
CA LEU C 47 -2.86 -0.94 -8.81
C LEU C 47 -2.78 -2.15 -9.75
N LEU C 48 -3.94 -2.74 -10.08
CA LEU C 48 -4.05 -3.86 -11.03
C LEU C 48 -4.59 -3.34 -12.35
N ILE C 49 -5.71 -2.59 -12.28
CA ILE C 49 -6.42 -2.10 -13.47
C ILE C 49 -6.69 -0.59 -13.38
N TYR C 50 -6.52 0.12 -14.51
CA TYR C 50 -6.89 1.54 -14.65
C TYR C 50 -7.69 1.64 -15.94
N GLY C 51 -8.50 2.69 -16.08
CA GLY C 51 -9.33 2.87 -17.27
C GLY C 51 -10.28 1.71 -17.50
N ALA C 52 -10.78 1.07 -16.39
CA ALA C 52 -11.71 -0.08 -16.38
C ALA C 52 -11.15 -1.40 -16.93
N SER C 53 -10.29 -1.38 -17.97
CA SER C 53 -9.79 -2.60 -18.61
C SER C 53 -8.27 -2.65 -18.92
N SER C 54 -7.51 -1.60 -18.58
CA SER C 54 -6.08 -1.58 -18.87
C SER C 54 -5.30 -2.09 -17.68
N ARG C 55 -4.41 -3.06 -17.90
CA ARG C 55 -3.57 -3.63 -16.86
C ARG C 55 -2.41 -2.68 -16.55
N ALA C 56 -2.10 -2.48 -15.26
CA ALA C 56 -0.96 -1.66 -14.83
C ALA C 56 0.31 -2.43 -15.21
N THR C 57 1.45 -1.73 -15.29
CA THR C 57 2.71 -2.40 -15.62
C THR C 57 3.04 -3.51 -14.62
N GLY C 58 3.50 -4.65 -15.13
CA GLY C 58 3.87 -5.80 -14.33
C GLY C 58 2.73 -6.69 -13.85
N ILE C 59 1.47 -6.35 -14.18
CA ILE C 59 0.32 -7.14 -13.74
C ILE C 59 0.10 -8.35 -14.67
N PRO C 60 0.00 -9.59 -14.12
CA PRO C 60 -0.25 -10.77 -14.98
C PRO C 60 -1.59 -10.70 -15.71
N ASP C 61 -1.67 -11.38 -16.86
CA ASP C 61 -2.83 -11.47 -17.76
C ASP C 61 -4.07 -12.12 -17.14
N ARG C 62 -3.88 -12.90 -16.06
CA ARG C 62 -4.96 -13.57 -15.37
C ARG C 62 -5.93 -12.55 -14.69
N PHE C 63 -5.46 -11.30 -14.43
CA PHE C 63 -6.29 -10.22 -13.88
C PHE C 63 -6.87 -9.44 -15.06
N SER C 64 -8.20 -9.47 -15.21
CA SER C 64 -8.87 -8.78 -16.32
C SER C 64 -10.05 -7.92 -15.85
N GLY C 65 -10.04 -6.66 -16.26
CA GLY C 65 -11.09 -5.70 -15.96
C GLY C 65 -12.01 -5.52 -17.15
N SER C 66 -13.32 -5.44 -16.92
CA SER C 66 -14.32 -5.23 -17.96
C SER C 66 -15.48 -4.38 -17.40
N GLY C 67 -16.42 -4.04 -18.28
CA GLY C 67 -17.60 -3.25 -17.94
C GLY C 67 -17.50 -1.79 -18.29
N SER C 68 -18.62 -1.10 -18.12
CA SER C 68 -18.81 0.33 -18.43
C SER C 68 -20.02 0.89 -17.67
N GLY C 69 -20.11 2.22 -17.63
CA GLY C 69 -21.21 2.95 -17.00
C GLY C 69 -21.28 2.76 -15.50
N THR C 70 -22.15 1.85 -15.04
CA THR C 70 -22.37 1.57 -13.61
C THR C 70 -21.99 0.15 -13.17
N ASP C 71 -21.68 -0.76 -14.13
CA ASP C 71 -21.38 -2.17 -13.86
C ASP C 71 -19.97 -2.52 -14.34
N PHE C 72 -19.08 -2.81 -13.38
CA PHE C 72 -17.68 -3.15 -13.62
C PHE C 72 -17.34 -4.52 -13.02
N THR C 73 -16.44 -5.25 -13.70
CA THR C 73 -16.05 -6.60 -13.26
C THR C 73 -14.54 -6.78 -13.27
N LEU C 74 -14.02 -7.46 -12.25
CA LEU C 74 -12.63 -7.88 -12.20
C LEU C 74 -12.64 -9.41 -12.21
N THR C 75 -12.07 -10.01 -13.25
CA THR C 75 -12.00 -11.46 -13.34
C THR C 75 -10.56 -11.92 -13.05
N ILE C 76 -10.39 -12.79 -12.06
CA ILE C 76 -9.08 -13.37 -11.76
C ILE C 76 -9.21 -14.84 -12.20
N SER C 77 -8.58 -15.22 -13.33
CA SER C 77 -8.64 -16.60 -13.75
C SER C 77 -7.46 -17.34 -13.14
N ARG C 78 -7.52 -18.69 -13.10
CA ARG C 78 -6.45 -19.54 -12.56
C ARG C 78 -5.96 -19.02 -11.20
N LEU C 79 -6.92 -18.80 -10.28
CA LEU C 79 -6.70 -18.28 -8.92
C LEU C 79 -5.51 -19.00 -8.28
N GLU C 80 -4.64 -18.25 -7.63
CA GLU C 80 -3.47 -18.84 -6.99
C GLU C 80 -3.57 -18.63 -5.47
N PRO C 81 -2.90 -19.47 -4.62
CA PRO C 81 -2.91 -19.18 -3.16
C PRO C 81 -2.38 -17.76 -2.83
N GLU C 82 -1.42 -17.24 -3.65
CA GLU C 82 -0.84 -15.89 -3.43
C GLU C 82 -1.84 -14.77 -3.72
N ASP C 83 -2.99 -15.09 -4.34
CA ASP C 83 -4.02 -14.13 -4.66
C ASP C 83 -4.93 -13.80 -3.48
N PHE C 84 -4.67 -14.41 -2.29
CA PHE C 84 -5.41 -14.06 -1.07
C PHE C 84 -5.17 -12.55 -0.83
N ALA C 85 -6.24 -11.78 -0.86
CA ALA C 85 -6.17 -10.32 -0.71
C ALA C 85 -7.56 -9.74 -0.69
N VAL C 86 -7.62 -8.41 -0.47
CA VAL C 86 -8.83 -7.64 -0.56
C VAL C 86 -8.67 -6.84 -1.85
N TYR C 87 -9.73 -6.86 -2.67
CA TYR C 87 -9.74 -6.20 -3.97
C TYR C 87 -10.71 -5.06 -3.92
N TYR C 88 -10.22 -3.84 -4.19
CA TYR C 88 -11.03 -2.64 -4.09
C TYR C 88 -11.18 -1.98 -5.43
N CYS C 89 -12.39 -1.51 -5.74
CA CYS C 89 -12.56 -0.68 -6.92
C CYS C 89 -12.59 0.78 -6.44
N GLN C 90 -12.34 1.70 -7.36
CA GLN C 90 -12.29 3.11 -7.05
C GLN C 90 -12.53 3.87 -8.34
N GLN C 91 -13.37 4.91 -8.27
CA GLN C 91 -13.54 5.78 -9.43
C GLN C 91 -12.67 7.00 -9.17
N TYR C 92 -11.94 7.46 -10.18
CA TYR C 92 -11.05 8.61 -10.03
C TYR C 92 -11.33 9.73 -11.02
N GLY C 93 -12.56 9.76 -11.53
CA GLY C 93 -13.00 10.76 -12.50
C GLY C 93 -13.70 11.97 -11.90
N SER C 94 -14.36 11.79 -10.75
CA SER C 94 -15.11 12.87 -10.14
C SER C 94 -14.92 12.89 -8.63
N SER C 95 -14.32 13.96 -8.10
CA SER C 95 -14.01 14.08 -6.66
C SER C 95 -15.27 14.09 -5.78
N PRO C 96 -15.31 13.42 -4.61
CA PRO C 96 -14.25 12.61 -3.98
C PRO C 96 -14.02 11.26 -4.69
N PHE C 97 -12.75 10.84 -4.81
CA PHE C 97 -12.37 9.59 -5.48
C PHE C 97 -12.51 8.43 -4.50
N THR C 98 -13.73 8.15 -4.11
CA THR C 98 -13.97 7.17 -3.06
C THR C 98 -13.84 5.73 -3.56
N PHE C 99 -13.30 4.90 -2.68
CA PHE C 99 -13.12 3.49 -2.91
C PHE C 99 -14.43 2.74 -2.64
N GLY C 100 -14.57 1.59 -3.27
CA GLY C 100 -15.62 0.62 -2.98
C GLY C 100 -15.25 -0.07 -1.67
N PRO C 101 -16.15 -0.86 -1.04
CA PRO C 101 -15.83 -1.45 0.28
C PRO C 101 -14.87 -2.65 0.26
N GLY C 102 -14.50 -3.10 -0.94
CA GLY C 102 -13.61 -4.23 -1.14
C GLY C 102 -14.28 -5.60 -1.11
N THR C 103 -13.66 -6.58 -1.79
CA THR C 103 -14.06 -7.98 -1.77
C THR C 103 -12.86 -8.74 -1.22
N LYS C 104 -13.07 -9.50 -0.15
CA LYS C 104 -12.03 -10.35 0.46
C LYS C 104 -12.04 -11.67 -0.28
N VAL C 105 -10.93 -12.03 -0.92
CA VAL C 105 -10.81 -13.31 -1.62
C VAL C 105 -10.02 -14.28 -0.71
N ASP C 106 -10.67 -15.34 -0.25
CA ASP C 106 -10.09 -16.40 0.61
C ASP C 106 -9.79 -17.60 -0.27
N ILE C 107 -8.81 -18.41 0.14
CA ILE C 107 -8.40 -19.61 -0.60
C ILE C 107 -8.89 -20.88 0.11
N LYS C 108 -9.55 -21.76 -0.64
CA LYS C 108 -10.02 -23.05 -0.10
C LYS C 108 -8.88 -24.05 -0.19
N ARG C 109 -8.72 -24.88 0.84
CA ARG C 109 -7.69 -25.92 0.86
C ARG C 109 -8.16 -27.09 1.70
N THR C 110 -7.36 -28.16 1.76
CA THR C 110 -7.70 -29.34 2.55
C THR C 110 -7.61 -29.05 4.04
N VAL C 111 -8.34 -29.83 4.85
CA VAL C 111 -8.32 -29.71 6.31
C VAL C 111 -6.88 -30.00 6.79
N ALA C 112 -6.36 -29.13 7.65
CA ALA C 112 -5.03 -29.26 8.24
C ALA C 112 -5.14 -29.04 9.75
N ALA C 113 -4.83 -30.08 10.53
CA ALA C 113 -4.88 -30.02 11.98
C ALA C 113 -3.78 -29.10 12.53
N PRO C 114 -4.04 -28.33 13.60
CA PRO C 114 -2.96 -27.48 14.15
C PRO C 114 -1.88 -28.25 14.89
N SER C 115 -0.67 -27.67 14.94
CA SER C 115 0.43 -28.16 15.77
C SER C 115 0.35 -27.24 17.00
N VAL C 116 0.15 -27.84 18.18
CA VAL C 116 -0.06 -27.09 19.42
C VAL C 116 1.21 -27.04 20.31
N PHE C 117 1.51 -25.84 20.82
CA PHE C 117 2.65 -25.58 21.72
C PHE C 117 2.18 -24.68 22.87
N ILE C 118 2.64 -24.97 24.10
CA ILE C 118 2.34 -24.19 25.30
C ILE C 118 3.66 -23.59 25.85
N PHE C 119 3.59 -22.32 26.30
CA PHE C 119 4.73 -21.59 26.86
C PHE C 119 4.43 -21.07 28.25
N PRO C 120 5.28 -21.41 29.23
CA PRO C 120 5.10 -20.85 30.58
C PRO C 120 5.51 -19.38 30.62
N PRO C 121 5.10 -18.60 31.65
CA PRO C 121 5.60 -17.22 31.74
C PRO C 121 7.09 -17.26 32.10
N SER C 122 7.84 -16.26 31.64
CA SER C 122 9.27 -16.16 31.91
C SER C 122 9.46 -15.67 33.36
N ASP C 123 10.63 -15.99 33.98
CA ASP C 123 10.97 -15.52 35.34
C ASP C 123 11.03 -13.98 35.36
N GLU C 124 11.51 -13.38 34.26
CA GLU C 124 11.58 -11.93 34.06
C GLU C 124 10.20 -11.28 34.18
N GLN C 125 9.18 -11.83 33.50
CA GLN C 125 7.82 -11.28 33.60
C GLN C 125 7.26 -11.41 35.02
N LEU C 126 7.53 -12.54 35.70
CA LEU C 126 7.04 -12.77 37.06
C LEU C 126 7.45 -11.67 38.04
N LYS C 127 8.68 -11.14 37.92
CA LYS C 127 9.14 -10.07 38.82
C LYS C 127 8.50 -8.68 38.49
N SER C 128 7.37 -8.66 37.75
CA SER C 128 6.59 -7.46 37.42
C SER C 128 5.15 -7.59 38.01
N GLY C 129 4.83 -8.77 38.56
CA GLY C 129 3.56 -9.07 39.21
C GLY C 129 2.50 -9.75 38.36
N THR C 130 2.81 -9.97 37.08
CA THR C 130 1.88 -10.58 36.12
C THR C 130 2.54 -11.79 35.46
N ALA C 131 1.73 -12.81 35.14
CA ALA C 131 2.13 -14.03 34.45
C ALA C 131 1.31 -14.21 33.20
N SER C 132 1.97 -14.31 32.03
CA SER C 132 1.31 -14.57 30.76
C SER C 132 1.62 -15.97 30.32
N VAL C 133 0.57 -16.75 30.04
CA VAL C 133 0.71 -18.13 29.59
C VAL C 133 0.25 -18.15 28.16
N VAL C 134 1.09 -18.66 27.24
CA VAL C 134 0.75 -18.63 25.81
C VAL C 134 0.57 -20.03 25.22
N CYS C 135 -0.54 -20.21 24.49
CA CYS C 135 -0.89 -21.41 23.74
C CYS C 135 -0.87 -21.01 22.24
N LEU C 136 -0.12 -21.76 21.44
CA LEU C 136 0.02 -21.55 20.00
C LEU C 136 -0.59 -22.71 19.21
N LEU C 137 -1.46 -22.38 18.25
CA LEU C 137 -2.07 -23.31 17.30
C LEU C 137 -1.42 -22.92 15.99
N ASN C 138 -0.62 -23.81 15.43
CA ASN C 138 0.14 -23.42 14.25
C ASN C 138 -0.27 -24.14 12.99
N ASN C 139 -0.39 -23.36 11.90
CA ASN C 139 -0.65 -23.80 10.52
C ASN C 139 -1.83 -24.76 10.37
N PHE C 140 -3.04 -24.25 10.59
CA PHE C 140 -4.24 -25.07 10.51
C PHE C 140 -5.26 -24.51 9.53
N TYR C 141 -6.25 -25.35 9.18
CA TYR C 141 -7.33 -24.99 8.26
C TYR C 141 -8.47 -25.99 8.48
N PRO C 142 -9.73 -25.53 8.57
CA PRO C 142 -10.22 -24.14 8.47
C PRO C 142 -9.89 -23.31 9.72
N ARG C 143 -10.20 -22.01 9.67
CA ARG C 143 -9.91 -21.04 10.72
C ARG C 143 -10.58 -21.35 12.07
N GLU C 144 -11.75 -21.99 12.04
CA GLU C 144 -12.54 -22.34 13.23
C GLU C 144 -11.77 -23.28 14.15
N ALA C 145 -11.61 -22.87 15.42
CA ALA C 145 -10.91 -23.60 16.48
C ALA C 145 -11.41 -23.10 17.84
N LYS C 146 -11.28 -23.92 18.89
CA LYS C 146 -11.66 -23.56 20.25
C LYS C 146 -10.48 -23.88 21.15
N VAL C 147 -10.08 -22.91 21.97
CA VAL C 147 -8.99 -23.06 22.93
C VAL C 147 -9.61 -22.87 24.29
N GLN C 148 -9.43 -23.87 25.16
CA GLN C 148 -9.91 -23.80 26.53
C GLN C 148 -8.71 -23.85 27.44
N TRP C 149 -8.71 -23.01 28.48
CA TRP C 149 -7.64 -23.02 29.47
C TRP C 149 -8.08 -23.78 30.73
N LYS C 150 -7.17 -24.61 31.25
CA LYS C 150 -7.39 -25.38 32.48
C LYS C 150 -6.21 -25.13 33.41
N VAL C 151 -6.52 -24.76 34.66
CA VAL C 151 -5.52 -24.51 35.69
C VAL C 151 -5.85 -25.51 36.83
N ASP C 152 -4.98 -26.53 37.01
CA ASP C 152 -5.14 -27.67 37.95
C ASP C 152 -6.45 -28.43 37.63
N ASN C 153 -6.73 -28.61 36.31
CA ASN C 153 -7.91 -29.27 35.73
C ASN C 153 -9.20 -28.44 35.85
N ALA C 154 -9.09 -27.17 36.29
CA ALA C 154 -10.25 -26.27 36.42
C ALA C 154 -10.34 -25.34 35.22
N LEU C 155 -11.47 -25.41 34.48
CA LEU C 155 -11.74 -24.56 33.32
C LEU C 155 -11.76 -23.09 33.72
N GLN C 156 -11.08 -22.25 32.94
CA GLN C 156 -10.95 -20.81 33.17
C GLN C 156 -12.00 -20.00 32.41
N SER C 157 -12.15 -18.69 32.78
CA SER C 157 -13.04 -17.74 32.11
CA SER C 157 -13.07 -17.75 32.14
C SER C 157 -12.63 -16.28 32.34
N GLY C 158 -12.72 -15.51 31.26
CA GLY C 158 -12.46 -14.06 31.20
C GLY C 158 -11.04 -13.52 31.32
N ASN C 159 -10.07 -14.41 31.47
CA ASN C 159 -8.64 -14.09 31.63
C ASN C 159 -7.82 -14.46 30.38
N SER C 160 -8.50 -14.73 29.25
CA SER C 160 -7.79 -15.02 28.00
C SER C 160 -8.21 -14.16 26.83
N GLN C 161 -7.26 -13.92 25.91
CA GLN C 161 -7.49 -13.20 24.66
C GLN C 161 -6.80 -13.99 23.55
N GLU C 162 -7.44 -14.03 22.38
CA GLU C 162 -6.92 -14.71 21.19
C GLU C 162 -6.59 -13.72 20.10
N SER C 163 -5.70 -14.14 19.23
CA SER C 163 -5.32 -13.37 18.04
C SER C 163 -5.09 -14.42 16.96
N VAL C 164 -5.46 -14.12 15.70
CA VAL C 164 -5.33 -15.02 14.56
C VAL C 164 -4.67 -14.32 13.39
N THR C 165 -3.75 -15.02 12.72
CA THR C 165 -3.09 -14.47 11.54
C THR C 165 -4.04 -14.47 10.37
N GLU C 166 -3.71 -13.68 9.33
CA GLU C 166 -4.42 -13.70 8.07
C GLU C 166 -3.97 -14.97 7.35
N GLN C 167 -4.80 -15.50 6.44
CA GLN C 167 -4.47 -16.71 5.68
C GLN C 167 -3.08 -16.58 5.00
N ASP C 168 -2.24 -17.59 5.19
CA ASP C 168 -0.89 -17.59 4.65
C ASP C 168 -0.88 -17.59 3.10
N SER C 169 -0.03 -16.75 2.48
CA SER C 169 0.01 -16.60 1.01
C SER C 169 0.52 -17.85 0.29
N LYS C 170 1.20 -18.75 1.02
CA LYS C 170 1.79 -19.95 0.45
C LYS C 170 1.02 -21.22 0.77
N ASP C 171 0.76 -21.48 2.06
CA ASP C 171 0.11 -22.74 2.44
C ASP C 171 -1.39 -22.58 2.73
N SER C 172 -1.90 -21.35 2.65
CA SER C 172 -3.32 -21.04 2.87
C SER C 172 -3.84 -21.44 4.28
N THR C 173 -2.94 -21.54 5.28
CA THR C 173 -3.33 -21.88 6.64
C THR C 173 -3.43 -20.65 7.51
N TYR C 174 -3.90 -20.86 8.74
CA TYR C 174 -4.01 -19.85 9.78
C TYR C 174 -3.19 -20.29 10.99
N SER C 175 -2.84 -19.35 11.85
CA SER C 175 -2.20 -19.66 13.12
C SER C 175 -2.90 -18.81 14.16
N LEU C 176 -2.95 -19.30 15.39
CA LEU C 176 -3.69 -18.63 16.45
C LEU C 176 -2.93 -18.68 17.74
N SER C 177 -3.01 -17.61 18.54
CA SER C 177 -2.39 -17.60 19.87
C SER C 177 -3.45 -17.28 20.89
N SER C 178 -3.47 -17.98 22.00
CA SER C 178 -4.37 -17.66 23.10
C SER C 178 -3.48 -17.36 24.28
N THR C 179 -3.70 -16.20 24.90
CA THR C 179 -2.89 -15.76 26.02
C THR C 179 -3.73 -15.70 27.27
N LEU C 180 -3.31 -16.43 28.30
CA LEU C 180 -3.94 -16.43 29.61
C LEU C 180 -3.14 -15.49 30.49
N THR C 181 -3.81 -14.48 31.08
CA THR C 181 -3.18 -13.49 31.95
C THR C 181 -3.67 -13.65 33.38
N LEU C 182 -2.73 -13.90 34.29
CA LEU C 182 -2.99 -14.06 35.73
C LEU C 182 -2.02 -13.19 36.50
N SER C 183 -2.35 -12.86 37.77
CA SER C 183 -1.43 -12.15 38.65
C SER C 183 -0.36 -13.18 39.05
N LYS C 184 0.82 -12.73 39.50
CA LYS C 184 1.88 -13.63 39.94
C LYS C 184 1.40 -14.53 41.09
N ALA C 185 0.70 -13.95 42.10
CA ALA C 185 0.19 -14.68 43.27
C ALA C 185 -0.78 -15.80 42.85
N ASP C 186 -1.69 -15.49 41.90
CA ASP C 186 -2.68 -16.41 41.32
C ASP C 186 -1.95 -17.55 40.58
N TYR C 187 -0.90 -17.20 39.78
CA TYR C 187 -0.08 -18.16 39.06
C TYR C 187 0.71 -19.08 40.03
N GLU C 188 1.19 -18.52 41.13
CA GLU C 188 1.98 -19.26 42.12
C GLU C 188 1.12 -20.22 42.97
N LYS C 189 -0.20 -20.00 43.01
CA LYS C 189 -1.18 -20.80 43.76
C LYS C 189 -1.45 -22.17 43.14
N HIS C 190 -1.15 -22.33 41.83
CA HIS C 190 -1.47 -23.54 41.08
C HIS C 190 -0.28 -24.23 40.43
N LYS C 191 -0.44 -25.51 40.04
CA LYS C 191 0.65 -26.29 39.45
C LYS C 191 0.51 -26.61 37.96
N VAL C 192 -0.63 -27.19 37.54
CA VAL C 192 -0.83 -27.63 36.17
C VAL C 192 -1.51 -26.56 35.34
N TYR C 193 -0.88 -26.18 34.24
CA TYR C 193 -1.39 -25.19 33.29
C TYR C 193 -1.55 -25.90 31.97
N ALA C 194 -2.77 -25.94 31.46
CA ALA C 194 -3.08 -26.63 30.22
C ALA C 194 -3.96 -25.83 29.27
N CYS C 195 -3.77 -26.04 27.97
CA CYS C 195 -4.62 -25.48 26.94
C CYS C 195 -5.13 -26.63 26.08
N GLU C 196 -6.45 -26.73 25.98
CA GLU C 196 -7.14 -27.80 25.26
C GLU C 196 -7.71 -27.24 23.96
N VAL C 197 -7.31 -27.86 22.85
CA VAL C 197 -7.62 -27.42 21.49
C VAL C 197 -8.57 -28.36 20.77
N THR C 198 -9.67 -27.79 20.25
CA THR C 198 -10.68 -28.46 19.43
C THR C 198 -10.57 -27.88 18.00
N HIS C 199 -10.55 -28.76 16.98
CA HIS C 199 -10.43 -28.40 15.57
C HIS C 199 -10.91 -29.55 14.71
N GLN C 200 -11.48 -29.24 13.54
CA GLN C 200 -11.97 -30.23 12.57
C GLN C 200 -10.94 -31.31 12.22
N GLY C 201 -9.67 -30.92 12.16
CA GLY C 201 -8.57 -31.81 11.83
C GLY C 201 -8.18 -32.76 12.96
N LEU C 202 -8.73 -32.53 14.16
CA LEU C 202 -8.45 -33.37 15.35
C LEU C 202 -9.70 -34.17 15.74
N SER C 203 -9.61 -35.51 15.64
CA SER C 203 -10.70 -36.43 16.00
C SER C 203 -11.05 -36.35 17.50
N SER C 204 -10.04 -36.04 18.33
CA SER C 204 -10.16 -35.83 19.77
C SER C 204 -9.43 -34.53 20.11
N PRO C 205 -9.86 -33.75 21.14
CA PRO C 205 -9.11 -32.53 21.46
C PRO C 205 -7.69 -32.81 21.94
N VAL C 206 -6.75 -31.93 21.58
CA VAL C 206 -5.34 -32.03 21.94
C VAL C 206 -5.08 -31.11 23.12
N THR C 207 -4.53 -31.68 24.20
CA THR C 207 -4.18 -30.90 25.38
C THR C 207 -2.66 -30.82 25.50
N LYS C 208 -2.15 -29.61 25.64
CA LYS C 208 -0.74 -29.36 25.90
C LYS C 208 -0.67 -28.73 27.28
N SER C 209 0.29 -29.17 28.11
CA SER C 209 0.40 -28.67 29.47
C SER C 209 1.84 -28.61 29.98
N PHE C 210 2.02 -27.93 31.12
CA PHE C 210 3.28 -27.85 31.85
C PHE C 210 2.96 -27.75 33.34
N ASN C 211 3.94 -28.10 34.19
CA ASN C 211 3.85 -27.98 35.63
C ASN C 211 4.75 -26.81 36.01
N ARG C 212 4.22 -25.85 36.80
CA ARG C 212 4.96 -24.66 37.22
C ARG C 212 6.16 -25.08 38.07
N GLY C 213 7.35 -24.62 37.66
CA GLY C 213 8.59 -24.96 38.34
C GLY C 213 9.05 -26.36 37.98
N GLU C 214 9.21 -26.60 36.66
CA GLU C 214 9.64 -27.86 36.06
C GLU C 214 10.25 -27.63 34.67
#